data_1TA3
#
_entry.id   1TA3
#
_cell.length_a   46.730
_cell.length_b   75.872
_cell.length_c   159.654
_cell.angle_alpha   90.00
_cell.angle_beta   90.00
_cell.angle_gamma   90.00
#
_symmetry.space_group_name_H-M   'P 21 21 21'
#
loop_
_entity.id
_entity.type
_entity.pdbx_description
1 polymer 'xylanase inhibitor protein I'
2 polymer Endo-1,4-beta-xylanase
3 non-polymer 2-acetamido-2-deoxy-beta-D-glucopyranose
4 non-polymer 1,2-ETHANEDIOL
5 water water
#
loop_
_entity_poly.entity_id
_entity_poly.type
_entity_poly.pdbx_seq_one_letter_code
_entity_poly.pdbx_strand_id
1 'polypeptide(L)'
;AGGKTGQVTVFWGRNKAEGSLREACDSGMYTMVTMSFLDVFGANGKYHLDLSGHDLSSVGADIKHCQSKGVPVSLSIGGY
GTGYSLPSNRSALDLFDHLWNSYFGGSKPSVPRPFGDAWLDGVDLFLEHGTPADRYDVLALELAKHNIRGGPGKPLHLTA
TVRCGYPPAAHVGRALATGIFERVHVRTYESDKWCNQNLGWEGSWDKWTAAYPATRFYVGLTADDKSHQWVHPKNVYYGV
APVAQKKDNYGGIMLWDRYFDKQTNYSSLIKYYA
;
A
2 'polypeptide(L)'
;QSASLNDLFVAAGKSYFGTCSDQALLQNSQNEAIVASQFGVITPENSMKWDALEPSQGNFGWSGADYLVDYATQHNKKVR
GHTLVWHSQLPSWVSSIGDANTLRSVMTNHINEVVGRYKGKIMHWDVVNEIFNEDGTFRNSVFYNLLGEDFVRIAFETAR
AADPDAKLYINDYNLDSASYAKTQAMASYVKKWLAEGVPIDGIGSQAHYSSSHWSSTEAAGALSSLANTGVSEVAITELD
IAGAASSDYLNLLNACLNEQKCVGITVWGVSDKDSWRASDSPLLFDGNYQPKDAYNAIVNALS
;
B
#
loop_
_chem_comp.id
_chem_comp.type
_chem_comp.name
_chem_comp.formula
EDO non-polymer 1,2-ETHANEDIOL 'C2 H6 O2'
NAG D-saccharide, beta linking 2-acetamido-2-deoxy-beta-D-glucopyranose 'C8 H15 N O6'
#
# COMPACT_ATOMS: atom_id res chain seq x y z
N ALA A 1 20.46 -3.08 -7.76
CA ALA A 1 19.08 -2.80 -7.26
C ALA A 1 19.08 -2.92 -5.74
N GLY A 2 18.07 -2.33 -5.11
CA GLY A 2 17.89 -2.50 -3.69
C GLY A 2 17.12 -3.78 -3.43
N GLY A 3 16.57 -3.86 -2.24
CA GLY A 3 15.80 -5.02 -1.81
C GLY A 3 15.20 -4.73 -0.45
N LYS A 4 14.54 -5.73 0.14
CA LYS A 4 13.96 -5.57 1.48
C LYS A 4 15.06 -5.29 2.48
N THR A 5 14.75 -4.47 3.47
CA THR A 5 15.69 -4.17 4.56
C THR A 5 15.14 -4.56 5.90
N GLY A 6 13.84 -4.84 5.97
CA GLY A 6 13.14 -5.10 7.22
C GLY A 6 12.90 -3.87 8.09
N GLN A 7 13.24 -2.68 7.60
CA GLN A 7 13.19 -1.48 8.45
C GLN A 7 11.86 -0.77 8.40
N VAL A 8 11.27 -0.53 9.58
CA VAL A 8 10.01 0.20 9.73
C VAL A 8 10.19 1.25 10.80
N THR A 9 10.11 2.52 10.40
CA THR A 9 10.20 3.64 11.31
C THR A 9 8.82 4.16 11.53
N VAL A 10 8.43 4.36 12.79
CA VAL A 10 7.11 4.88 13.11
C VAL A 10 7.22 6.19 13.88
N PHE A 11 6.32 7.13 13.59
CA PHE A 11 6.21 8.34 14.40
C PHE A 11 5.33 8.11 15.62
N TRP A 12 5.73 8.75 16.73
CA TRP A 12 5.01 8.67 18.00
C TRP A 12 4.99 10.06 18.62
N GLY A 13 3.98 10.32 19.44
CA GLY A 13 3.92 11.58 20.17
C GLY A 13 2.75 12.49 19.81
N ARG A 14 2.01 12.15 18.76
CA ARG A 14 0.93 12.96 18.21
C ARG A 14 -0.43 12.75 18.86
N ASN A 15 -0.56 11.70 19.65
CA ASN A 15 -1.86 11.34 20.23
C ASN A 15 -1.71 10.59 21.53
N LYS A 16 -2.07 11.20 22.65
CA LYS A 16 -1.82 10.56 23.94
C LYS A 16 -2.54 9.21 24.14
N ALA A 17 -3.51 8.91 23.31
CA ALA A 17 -4.23 7.64 23.37
C ALA A 17 -3.52 6.51 22.65
N GLU A 18 -2.34 6.78 22.09
CA GLU A 18 -1.62 5.77 21.32
C GLU A 18 -0.78 4.82 22.16
N GLY A 19 -0.80 5.00 23.47
CA GLY A 19 0.01 4.15 24.34
C GLY A 19 1.41 4.72 24.49
N SER A 20 2.17 4.13 25.40
CA SER A 20 3.50 4.63 25.71
C SER A 20 4.53 4.33 24.63
N LEU A 21 5.62 5.05 24.69
CA LEU A 21 6.78 4.68 23.90
C LEU A 21 7.21 3.22 24.15
N ARG A 22 7.18 2.78 25.41
CA ARG A 22 7.55 1.39 25.76
C ARG A 22 6.65 0.39 25.04
N GLU A 23 5.36 0.66 25.03
CA GLU A 23 4.41 -0.23 24.38
C GLU A 23 4.71 -0.32 22.88
N ALA A 24 5.02 0.80 22.27
CA ALA A 24 5.36 0.79 20.86
C ALA A 24 6.61 -0.08 20.58
N CYS A 25 7.65 0.07 21.38
CA CYS A 25 8.85 -0.72 21.20
C CYS A 25 8.62 -2.20 21.46
N ASP A 26 7.84 -2.49 22.50
CA ASP A 26 7.54 -3.86 22.89
C ASP A 26 6.63 -4.59 21.90
N SER A 27 6.00 -3.86 20.98
CA SER A 27 5.20 -4.50 19.93
C SER A 27 6.05 -5.36 18.97
N GLY A 28 7.34 -5.03 18.85
CA GLY A 28 8.24 -5.71 17.92
C GLY A 28 7.98 -5.37 16.46
N MET A 29 7.15 -4.36 16.21
CA MET A 29 6.80 -4.01 14.84
C MET A 29 7.75 -3.00 14.20
N TYR A 30 8.56 -2.33 15.00
CA TYR A 30 9.38 -1.19 14.56
C TYR A 30 10.86 -1.34 14.80
N THR A 31 11.65 -0.81 13.87
CA THR A 31 13.10 -0.72 14.03
C THR A 31 13.60 0.68 14.41
N MET A 32 12.68 1.64 14.49
CA MET A 32 12.99 2.96 14.97
C MET A 32 11.69 3.64 15.36
N VAL A 33 11.71 4.35 16.47
CA VAL A 33 10.57 5.17 16.86
C VAL A 33 11.02 6.63 16.89
N THR A 34 10.27 7.50 16.23
CA THR A 34 10.63 8.92 16.13
C THR A 34 9.58 9.69 16.89
N MET A 35 9.99 10.24 18.03
CA MET A 35 9.16 11.13 18.81
C MET A 35 8.92 12.42 18.05
N SER A 36 7.74 13.00 18.22
CA SER A 36 7.34 14.22 17.52
C SER A 36 6.42 15.05 18.38
N PHE A 37 6.57 16.39 18.45
CA PHE A 37 7.55 17.24 17.76
C PHE A 37 8.16 18.26 18.72
N LEU A 38 9.42 18.59 18.52
CA LEU A 38 10.00 19.82 19.07
C LEU A 38 9.44 20.93 18.19
N ASP A 39 8.37 21.57 18.67
CA ASP A 39 7.54 22.43 17.84
C ASP A 39 7.85 23.92 17.94
N VAL A 40 8.64 24.31 18.95
CA VAL A 40 9.08 25.69 19.08
C VAL A 40 10.60 25.79 19.18
N PHE A 41 11.17 26.60 18.30
CA PHE A 41 12.58 26.93 18.31
C PHE A 41 12.82 28.10 17.37
N GLY A 42 13.93 28.79 17.56
CA GLY A 42 14.19 29.95 16.72
C GLY A 42 15.36 30.74 17.26
N ALA A 43 15.29 32.06 17.09
CA ALA A 43 16.40 32.95 17.45
C ALA A 43 16.32 33.60 18.86
N ASN A 44 15.20 33.42 19.59
CA ASN A 44 15.04 34.05 20.92
C ASN A 44 15.32 33.15 22.17
N GLY A 45 15.97 32.00 22.01
CA GLY A 45 16.27 31.14 23.15
C GLY A 45 15.13 30.32 23.77
N LYS A 46 13.96 30.31 23.12
CA LYS A 46 12.76 29.61 23.57
C LYS A 46 12.60 28.29 22.82
N TYR A 47 12.40 27.21 23.56
CA TYR A 47 12.24 25.86 23.02
C TYR A 47 11.04 25.18 23.66
N HIS A 48 10.34 24.34 22.90
CA HIS A 48 9.21 23.62 23.42
C HIS A 48 9.10 22.28 22.71
N LEU A 49 8.82 21.26 23.51
CA LEU A 49 8.52 19.92 23.03
C LEU A 49 7.05 19.60 23.26
N ASP A 50 6.38 19.18 22.20
CA ASP A 50 4.97 18.84 22.23
C ASP A 50 4.77 17.35 22.02
N LEU A 51 4.45 16.65 23.09
CA LEU A 51 4.12 15.23 23.03
C LEU A 51 2.65 14.99 23.38
N SER A 52 1.81 15.98 23.08
CA SER A 52 0.36 15.81 23.00
C SER A 52 -0.31 15.32 24.30
N GLY A 53 0.29 15.61 25.46
CA GLY A 53 -0.30 15.19 26.72
C GLY A 53 0.13 13.83 27.20
N HIS A 54 1.04 13.19 26.48
CA HIS A 54 1.65 11.98 26.97
C HIS A 54 2.34 12.24 28.31
N ASP A 55 2.40 11.21 29.15
CA ASP A 55 3.02 11.34 30.47
C ASP A 55 4.53 11.44 30.36
N LEU A 56 5.05 12.66 30.49
CA LEU A 56 6.47 12.94 30.33
C LEU A 56 7.33 12.21 31.35
N SER A 57 6.77 11.97 32.53
CA SER A 57 7.53 11.37 33.65
C SER A 57 7.97 9.94 33.39
N SER A 58 7.37 9.28 32.38
CA SER A 58 7.73 7.91 32.03
C SER A 58 8.64 7.81 30.82
N VAL A 59 8.80 8.91 30.11
CA VAL A 59 9.45 8.84 28.81
C VAL A 59 10.91 8.45 28.91
N GLY A 60 11.65 9.03 29.84
CA GLY A 60 13.06 8.68 29.96
C GLY A 60 13.32 7.19 30.13
N ALA A 61 12.60 6.57 31.05
CA ALA A 61 12.77 5.15 31.30
C ALA A 61 12.33 4.34 30.07
N ASP A 62 11.27 4.81 29.41
CA ASP A 62 10.79 4.14 28.19
C ASP A 62 11.82 4.20 27.07
N ILE A 63 12.49 5.34 26.90
CA ILE A 63 13.55 5.44 25.89
C ILE A 63 14.62 4.38 26.18
N LYS A 64 15.08 4.33 27.42
CA LYS A 64 16.12 3.39 27.79
C LYS A 64 15.66 1.93 27.57
N HIS A 65 14.38 1.67 27.83
CA HIS A 65 13.83 0.34 27.58
C HIS A 65 13.80 -0.04 26.11
N CYS A 66 13.28 0.87 25.27
CA CYS A 66 13.34 0.70 23.83
C CYS A 66 14.75 0.36 23.39
N GLN A 67 15.72 1.12 23.86
CA GLN A 67 17.10 0.87 23.46
C GLN A 67 17.59 -0.48 23.94
N SER A 68 17.14 -0.87 25.12
CA SER A 68 17.48 -2.21 25.66
C SER A 68 16.92 -3.35 24.81
N LYS A 69 15.85 -3.07 24.04
CA LYS A 69 15.25 -4.01 23.09
C LYS A 69 15.81 -3.83 21.67
N GLY A 70 16.82 -2.97 21.52
CA GLY A 70 17.48 -2.76 20.25
C GLY A 70 16.75 -1.82 19.30
N VAL A 71 15.80 -1.05 19.83
CA VAL A 71 15.02 -0.08 19.06
C VAL A 71 15.49 1.34 19.38
N PRO A 72 16.16 2.01 18.44
CA PRO A 72 16.56 3.40 18.66
C PRO A 72 15.35 4.34 18.72
N VAL A 73 15.52 5.48 19.40
CA VAL A 73 14.47 6.49 19.52
C VAL A 73 15.06 7.81 19.08
N SER A 74 14.42 8.45 18.11
CA SER A 74 14.89 9.75 17.64
C SER A 74 13.86 10.81 17.98
N LEU A 75 14.24 12.08 17.80
CA LEU A 75 13.33 13.21 18.01
C LEU A 75 13.18 14.01 16.75
N SER A 76 11.94 14.24 16.33
CA SER A 76 11.64 15.06 15.17
C SER A 76 11.37 16.47 15.62
N ILE A 77 11.95 17.44 14.89
CA ILE A 77 11.77 18.84 15.15
C ILE A 77 10.97 19.46 14.03
N GLY A 78 10.19 20.48 14.35
CA GLY A 78 9.33 21.14 13.38
C GLY A 78 7.87 20.77 13.57
N GLY A 79 7.29 20.10 12.57
CA GLY A 79 5.89 19.76 12.58
C GLY A 79 5.05 20.67 11.67
N TYR A 80 3.74 20.59 11.80
CA TYR A 80 2.79 21.37 10.96
C TYR A 80 2.45 22.78 11.47
N GLY A 81 2.90 23.07 12.68
CA GLY A 81 2.67 24.34 13.35
C GLY A 81 3.59 25.45 12.84
N THR A 82 3.34 26.67 13.30
CA THR A 82 4.03 27.86 12.80
C THR A 82 4.99 28.44 13.81
N GLY A 83 5.39 27.64 14.80
CA GLY A 83 6.15 28.13 15.93
C GLY A 83 7.65 27.96 15.84
N TYR A 84 8.18 27.61 14.68
CA TYR A 84 9.59 27.35 14.54
C TYR A 84 10.22 27.96 13.29
N SER A 85 11.49 28.32 13.43
CA SER A 85 12.34 28.86 12.36
C SER A 85 13.77 28.70 12.79
N LEU A 86 14.68 28.92 11.85
CA LEU A 86 16.10 28.86 12.15
C LEU A 86 16.88 29.87 11.29
N PRO A 87 16.60 31.15 11.51
CA PRO A 87 16.99 32.22 10.58
C PRO A 87 18.46 32.68 10.58
N SER A 88 19.31 32.03 11.37
CA SER A 88 20.74 32.38 11.39
C SER A 88 21.64 31.21 11.77
N ASN A 89 22.91 31.35 11.44
CA ASN A 89 23.93 30.40 11.83
C ASN A 89 23.94 30.23 13.35
N ARG A 90 23.93 31.34 14.09
CA ARG A 90 23.92 31.30 15.55
C ARG A 90 22.69 30.54 16.09
N SER A 91 21.52 30.83 15.54
CA SER A 91 20.29 30.15 15.99
C SER A 91 20.38 28.64 15.79
N ALA A 92 21.01 28.18 14.69
CA ALA A 92 21.20 26.75 14.45
C ALA A 92 22.14 26.14 15.48
N LEU A 93 23.24 26.82 15.82
CA LEU A 93 24.13 26.30 16.86
C LEU A 93 23.50 26.31 18.24
N ASP A 94 22.67 27.30 18.52
CA ASP A 94 21.91 27.37 19.78
C ASP A 94 20.90 26.22 19.86
N LEU A 95 20.27 25.88 18.75
CA LEU A 95 19.37 24.72 18.70
C LEU A 95 20.16 23.43 18.89
N PHE A 96 21.32 23.28 18.24
CA PHE A 96 22.18 22.14 18.49
C PHE A 96 22.47 22.02 19.99
N ASP A 97 22.87 23.13 20.60
CA ASP A 97 23.24 23.10 22.02
C ASP A 97 22.05 22.66 22.87
N HIS A 98 20.86 23.14 22.53
CA HIS A 98 19.67 22.78 23.27
C HIS A 98 19.39 21.28 23.12
N LEU A 99 19.44 20.77 21.89
CA LEU A 99 19.18 19.35 21.69
C LEU A 99 20.24 18.51 22.39
N TRP A 100 21.50 18.85 22.19
CA TRP A 100 22.62 18.06 22.72
C TRP A 100 22.56 17.93 24.25
N ASN A 101 22.35 19.06 24.90
CA ASN A 101 22.41 19.13 26.34
C ASN A 101 21.10 18.79 27.03
N SER A 102 20.00 18.74 26.27
CA SER A 102 18.68 18.37 26.81
C SER A 102 18.40 16.90 26.64
N TYR A 103 18.69 16.39 25.44
CA TYR A 103 18.22 15.05 25.04
C TYR A 103 19.30 14.05 24.66
N PHE A 104 20.56 14.47 24.46
CA PHE A 104 21.63 13.57 24.03
C PHE A 104 22.72 13.51 25.11
N GLY A 105 23.99 13.55 24.73
CA GLY A 105 25.07 13.27 25.67
C GLY A 105 25.59 14.44 26.51
N GLY A 106 25.12 15.64 26.27
CA GLY A 106 25.64 16.83 26.94
C GLY A 106 25.03 16.98 28.32
N SER A 107 25.81 17.50 29.25
CA SER A 107 25.32 17.86 30.58
C SER A 107 25.79 19.28 30.91
N LYS A 108 24.83 20.18 31.08
CA LYS A 108 25.07 21.56 31.50
C LYS A 108 24.06 21.85 32.63
N PRO A 109 24.52 22.40 33.75
CA PRO A 109 23.58 22.75 34.82
C PRO A 109 22.43 23.66 34.39
N SER A 110 22.65 24.51 33.39
CA SER A 110 21.68 25.49 32.93
C SER A 110 20.68 24.93 31.88
N VAL A 111 20.84 23.67 31.51
CA VAL A 111 19.95 23.02 30.53
C VAL A 111 19.25 21.85 31.20
N PRO A 112 17.96 22.00 31.47
CA PRO A 112 17.17 20.89 32.03
C PRO A 112 17.25 19.61 31.20
N ARG A 113 17.12 18.48 31.88
CA ARG A 113 17.08 17.16 31.26
C ARG A 113 15.65 16.67 31.44
N PRO A 114 14.76 16.93 30.48
CA PRO A 114 13.35 16.58 30.66
C PRO A 114 13.17 15.09 30.90
N PHE A 115 14.00 14.25 30.28
CA PHE A 115 13.92 12.78 30.38
C PHE A 115 15.15 12.20 31.09
N GLY A 116 15.74 13.02 31.97
CA GLY A 116 16.88 12.60 32.75
C GLY A 116 18.03 12.18 31.86
N ASP A 117 18.69 11.10 32.25
CA ASP A 117 19.92 10.69 31.58
C ASP A 117 19.71 9.87 30.31
N ALA A 118 18.46 9.73 29.87
CA ALA A 118 18.21 9.10 28.56
C ALA A 118 18.90 9.92 27.48
N TRP A 119 19.45 9.25 26.48
CA TRP A 119 20.29 9.86 25.45
C TRP A 119 19.79 9.34 24.12
N LEU A 120 19.20 10.23 23.34
CA LEU A 120 18.50 9.83 22.11
C LEU A 120 19.46 9.32 21.02
N ASP A 121 18.87 8.76 19.97
CA ASP A 121 19.60 8.08 18.88
C ASP A 121 19.57 8.77 17.55
N GLY A 122 18.86 9.89 17.46
CA GLY A 122 18.81 10.63 16.22
C GLY A 122 17.94 11.86 16.29
N VAL A 123 18.01 12.66 15.22
CA VAL A 123 17.19 13.83 15.02
C VAL A 123 16.62 13.77 13.63
N ASP A 124 15.34 14.06 13.52
CA ASP A 124 14.63 14.12 12.28
C ASP A 124 14.17 15.55 12.07
N LEU A 125 14.29 16.02 10.82
CA LEU A 125 13.81 17.35 10.46
C LEU A 125 12.51 17.23 9.65
N PHE A 126 11.41 17.70 10.24
CA PHE A 126 10.06 17.68 9.65
C PHE A 126 9.65 19.14 9.40
N LEU A 127 10.20 19.70 8.32
CA LEU A 127 10.20 21.15 8.13
C LEU A 127 9.13 21.60 7.14
N GLU A 128 7.90 21.51 7.60
CA GLU A 128 6.77 21.89 6.78
C GLU A 128 6.80 23.39 6.45
N HIS A 129 7.30 24.18 7.37
CA HIS A 129 7.42 25.62 7.17
C HIS A 129 8.86 26.05 7.29
N GLY A 130 9.21 27.02 6.47
CA GLY A 130 10.58 27.52 6.49
C GLY A 130 10.78 28.48 5.35
N THR A 131 11.96 29.09 5.34
CA THR A 131 12.37 30.02 4.30
C THR A 131 13.83 29.77 3.94
N PRO A 132 14.23 30.24 2.77
CA PRO A 132 15.56 29.89 2.25
C PRO A 132 16.72 30.38 3.10
N ALA A 133 16.48 31.36 3.98
CA ALA A 133 17.50 31.86 4.89
C ALA A 133 17.68 31.00 6.15
N ASP A 134 16.81 29.99 6.33
CA ASP A 134 16.98 29.08 7.45
C ASP A 134 18.28 28.32 7.30
N ARG A 135 18.92 28.00 8.43
CA ARG A 135 20.23 27.38 8.48
C ARG A 135 20.21 25.99 9.12
N TYR A 136 19.30 25.14 8.63
CA TYR A 136 19.30 23.74 9.03
C TYR A 136 20.54 22.99 8.55
N ASP A 137 21.24 23.54 7.56
CA ASP A 137 22.55 22.98 7.19
C ASP A 137 23.56 23.02 8.34
N VAL A 138 23.59 24.16 9.04
CA VAL A 138 24.50 24.36 10.17
C VAL A 138 24.15 23.34 11.26
N LEU A 139 22.85 23.19 11.54
CA LEU A 139 22.41 22.19 12.53
C LEU A 139 22.85 20.78 12.12
N ALA A 140 22.58 20.41 10.86
CA ALA A 140 22.88 19.07 10.38
C ALA A 140 24.37 18.74 10.50
N LEU A 141 25.22 19.71 10.13
CA LEU A 141 26.65 19.48 10.17
C LEU A 141 27.18 19.29 11.59
N GLU A 142 26.55 19.97 12.55
CA GLU A 142 26.94 19.87 13.94
C GLU A 142 26.46 18.53 14.51
N LEU A 143 25.24 18.12 14.15
CA LEU A 143 24.77 16.80 14.59
C LEU A 143 25.61 15.64 14.03
N ALA A 144 26.06 15.76 12.80
CA ALA A 144 26.81 14.71 12.10
C ALA A 144 28.17 14.41 12.78
N LYS A 145 28.71 15.39 13.48
CA LYS A 145 29.96 15.20 14.23
C LYS A 145 29.84 14.14 15.33
N HIS A 146 28.61 13.93 15.80
CA HIS A 146 28.33 13.00 16.89
C HIS A 146 27.76 11.67 16.43
N ASN A 147 27.80 11.41 15.13
CA ASN A 147 27.32 10.14 14.63
C ASN A 147 28.49 9.20 14.64
N ILE A 148 28.66 8.50 15.77
CA ILE A 148 29.78 7.59 15.91
C ILE A 148 29.43 6.16 15.57
N ARG A 149 30.17 5.61 14.61
CA ARG A 149 29.99 4.23 14.18
C ARG A 149 31.29 3.47 14.51
N GLY A 150 31.36 2.96 15.73
CA GLY A 150 32.57 2.37 16.28
C GLY A 150 33.36 3.45 17.02
N GLY A 151 33.64 3.21 18.31
CA GLY A 151 34.40 4.15 19.12
C GLY A 151 33.59 4.73 20.26
N PRO A 152 34.16 5.71 20.94
CA PRO A 152 33.48 6.38 22.06
C PRO A 152 32.33 7.23 21.55
N GLY A 153 31.17 7.11 22.20
CA GLY A 153 29.95 7.70 21.69
C GLY A 153 29.03 6.63 21.16
N LYS A 154 28.10 7.03 20.31
CA LYS A 154 27.06 6.13 19.82
C LYS A 154 26.57 6.72 18.50
N PRO A 155 25.84 5.94 17.70
CA PRO A 155 25.28 6.47 16.46
C PRO A 155 24.28 7.58 16.69
N LEU A 156 24.23 8.50 15.75
CA LEU A 156 23.19 9.53 15.69
C LEU A 156 22.65 9.50 14.28
N HIS A 157 21.40 9.09 14.14
CA HIS A 157 20.74 8.92 12.86
C HIS A 157 20.06 10.22 12.47
N LEU A 158 20.65 10.95 11.53
CA LEU A 158 20.15 12.26 11.12
C LEU A 158 19.25 12.02 9.91
N THR A 159 17.98 12.45 10.02
CA THR A 159 16.96 12.20 9.02
C THR A 159 16.15 13.44 8.73
N ALA A 160 15.46 13.40 7.59
CA ALA A 160 14.48 14.42 7.25
C ALA A 160 13.23 13.71 6.81
N THR A 161 12.07 14.30 7.12
CA THR A 161 10.80 13.78 6.67
C THR A 161 10.18 14.84 5.79
N VAL A 162 10.01 14.51 4.52
CA VAL A 162 9.78 15.50 3.49
C VAL A 162 8.47 15.22 2.78
N ARG A 163 7.98 16.24 2.11
CA ARG A 163 6.78 16.11 1.28
C ARG A 163 7.11 15.27 0.05
N CYS A 164 6.08 14.70 -0.57
CA CYS A 164 6.22 13.84 -1.71
C CYS A 164 6.92 14.57 -2.86
N GLY A 165 6.47 15.78 -3.16
CA GLY A 165 6.95 16.51 -4.32
C GLY A 165 8.43 16.85 -4.34
N TYR A 166 9.07 16.64 -5.48
CA TYR A 166 10.46 16.96 -5.69
C TYR A 166 10.51 18.03 -6.76
N PRO A 167 11.33 19.07 -6.61
CA PRO A 167 12.25 19.29 -5.51
C PRO A 167 11.58 19.89 -4.27
N PRO A 168 12.23 19.75 -3.13
CA PRO A 168 11.72 20.34 -1.91
C PRO A 168 11.92 21.84 -1.87
N ALA A 169 11.30 22.47 -0.90
CA ALA A 169 11.52 23.88 -0.62
C ALA A 169 12.99 24.12 -0.33
N ALA A 170 13.42 25.35 -0.56
CA ALA A 170 14.82 25.70 -0.42
C ALA A 170 15.43 25.43 0.96
N HIS A 171 14.69 25.62 2.05
CA HIS A 171 15.25 25.40 3.39
C HIS A 171 15.64 23.93 3.58
N VAL A 172 14.84 23.05 2.97
CA VAL A 172 15.13 21.62 3.03
C VAL A 172 16.30 21.27 2.11
N GLY A 173 16.26 21.75 0.88
CA GLY A 173 17.37 21.52 -0.04
C GLY A 173 18.71 21.97 0.54
N ARG A 174 18.69 23.09 1.23
CA ARG A 174 19.91 23.64 1.82
C ARG A 174 20.47 22.68 2.87
N ALA A 175 19.59 22.11 3.68
CA ALA A 175 20.03 21.12 4.67
C ALA A 175 20.55 19.86 4.00
N LEU A 176 19.80 19.32 3.05
CA LEU A 176 20.17 18.04 2.44
C LEU A 176 21.46 18.16 1.60
N ALA A 177 21.76 19.37 1.12
CA ALA A 177 22.95 19.59 0.31
C ALA A 177 24.25 19.37 1.08
N THR A 178 24.19 19.32 2.41
CA THR A 178 25.36 18.94 3.22
C THR A 178 25.84 17.55 2.92
N GLY A 179 24.96 16.71 2.39
CA GLY A 179 25.33 15.35 1.99
C GLY A 179 25.39 14.32 3.11
N ILE A 180 25.11 14.71 4.35
CA ILE A 180 25.31 13.81 5.48
C ILE A 180 24.00 13.35 6.15
N PHE A 181 22.88 13.51 5.47
CA PHE A 181 21.62 12.93 6.00
C PHE A 181 21.65 11.43 5.75
N GLU A 182 21.47 10.67 6.83
CA GLU A 182 21.46 9.23 6.74
C GLU A 182 20.23 8.68 6.03
N ARG A 183 19.06 9.23 6.35
CA ARG A 183 17.78 8.77 5.83
C ARG A 183 16.88 9.95 5.53
N VAL A 184 16.03 9.76 4.52
CA VAL A 184 14.95 10.69 4.24
C VAL A 184 13.69 9.84 4.10
N HIS A 185 12.63 10.25 4.82
CA HIS A 185 11.32 9.60 4.75
C HIS A 185 10.47 10.47 3.86
N VAL A 186 10.04 9.93 2.72
CA VAL A 186 9.26 10.68 1.76
C VAL A 186 7.79 10.40 2.01
N ARG A 187 7.07 11.41 2.48
CA ARG A 187 5.65 11.26 2.78
C ARG A 187 4.89 11.11 1.48
N THR A 188 4.12 10.04 1.35
CA THR A 188 3.34 9.83 0.13
C THR A 188 1.85 9.67 0.42
N TYR A 189 1.45 9.97 1.67
CA TYR A 189 0.08 9.81 2.15
C TYR A 189 -0.70 11.11 2.32
N GLU A 190 -0.14 12.21 1.84
CA GLU A 190 -0.81 13.49 1.93
C GLU A 190 -1.66 13.81 0.71
N SER A 191 -2.40 14.90 0.78
CA SER A 191 -3.41 15.25 -0.22
C SER A 191 -2.87 16.15 -1.36
N ASP A 192 -1.59 16.10 -1.61
CA ASP A 192 -1.01 16.78 -2.74
C ASP A 192 -1.51 16.06 -4.01
N LYS A 193 -2.38 16.73 -4.77
CA LYS A 193 -3.11 16.11 -5.89
C LYS A 193 -2.24 15.41 -6.93
N TRP A 194 -1.05 15.93 -7.16
CA TRP A 194 -0.14 15.36 -8.15
C TRP A 194 0.99 14.54 -7.57
N CYS A 195 1.00 14.34 -6.25
CA CYS A 195 2.08 13.60 -5.63
C CYS A 195 1.64 12.89 -4.35
N ASN A 196 1.10 11.69 -4.51
CA ASN A 196 0.66 10.82 -3.43
C ASN A 196 0.51 9.42 -3.99
N GLN A 197 0.23 8.46 -3.14
CA GLN A 197 0.08 7.07 -3.58
C GLN A 197 -0.94 6.84 -4.70
N ASN A 198 -2.00 7.65 -4.74
CA ASN A 198 -2.99 7.57 -5.83
C ASN A 198 -2.56 8.14 -7.16
N LEU A 199 -1.57 9.04 -7.15
CA LEU A 199 -1.13 9.73 -8.36
C LEU A 199 0.23 10.37 -8.11
N GLY A 200 1.26 9.87 -8.78
CA GLY A 200 2.48 10.63 -8.89
C GLY A 200 3.64 10.36 -7.93
N TRP A 201 3.45 9.52 -6.92
CA TRP A 201 4.49 9.30 -5.94
C TRP A 201 5.74 8.68 -6.59
N GLU A 202 5.57 7.82 -7.59
CA GLU A 202 6.72 7.06 -8.10
C GLU A 202 7.70 8.00 -8.82
N GLY A 203 7.18 8.94 -9.61
CA GLY A 203 8.03 9.84 -10.34
C GLY A 203 8.84 10.71 -9.41
N SER A 204 8.23 11.05 -8.28
CA SER A 204 8.93 11.81 -7.26
C SER A 204 9.97 11.00 -6.54
N TRP A 205 9.63 9.75 -6.24
CA TRP A 205 10.55 8.78 -5.66
C TRP A 205 11.79 8.64 -6.54
N ASP A 206 11.61 8.53 -7.85
CA ASP A 206 12.72 8.44 -8.79
C ASP A 206 13.66 9.67 -8.63
N LYS A 207 13.08 10.87 -8.57
CA LYS A 207 13.87 12.12 -8.45
C LYS A 207 14.59 12.24 -7.10
N TRP A 208 13.90 11.90 -6.00
CA TRP A 208 14.49 11.97 -4.66
C TRP A 208 15.70 11.03 -4.55
N THR A 209 15.51 9.77 -4.96
CA THR A 209 16.53 8.76 -4.77
C THR A 209 17.75 9.05 -5.64
N ALA A 210 17.51 9.60 -6.84
CA ALA A 210 18.60 9.95 -7.76
C ALA A 210 19.41 11.12 -7.20
N ALA A 211 18.74 12.06 -6.54
CA ALA A 211 19.35 13.33 -6.12
C ALA A 211 20.31 13.16 -4.96
N TYR A 212 20.05 12.14 -4.13
CA TYR A 212 20.84 11.88 -2.93
C TYR A 212 21.27 10.43 -2.81
N PRO A 213 22.19 9.99 -3.67
CA PRO A 213 22.58 8.58 -3.68
C PRO A 213 23.18 8.03 -2.37
N ALA A 214 23.74 8.88 -1.52
CA ALA A 214 24.36 8.46 -0.27
C ALA A 214 23.37 8.36 0.89
N THR A 215 22.14 8.78 0.63
CA THR A 215 21.04 8.73 1.61
C THR A 215 20.12 7.55 1.36
N ARG A 216 19.65 6.92 2.45
CA ARG A 216 18.68 5.83 2.40
C ARG A 216 17.28 6.41 2.40
N PHE A 217 16.42 5.96 1.49
CA PHE A 217 15.08 6.54 1.34
C PHE A 217 14.01 5.59 1.83
N TYR A 218 13.09 6.13 2.62
CA TYR A 218 11.98 5.39 3.18
C TYR A 218 10.70 5.88 2.53
N VAL A 219 9.85 4.96 2.14
CA VAL A 219 8.53 5.32 1.65
C VAL A 219 7.62 5.55 2.85
N GLY A 220 7.09 6.76 2.97
CA GLY A 220 6.16 7.11 4.03
C GLY A 220 4.72 6.81 3.65
N LEU A 221 4.10 5.98 4.47
CA LEU A 221 2.70 5.50 4.26
C LEU A 221 1.87 5.83 5.50
N THR A 222 0.59 6.10 5.32
CA THR A 222 -0.30 6.21 6.46
C THR A 222 -0.85 4.87 6.91
N ALA A 223 -0.94 4.69 8.23
CA ALA A 223 -1.58 3.52 8.81
C ALA A 223 -3.09 3.76 9.08
N ASP A 224 -3.60 4.92 8.70
CA ASP A 224 -5.02 5.19 8.78
C ASP A 224 -5.77 4.58 7.58
N ASP A 225 -6.47 3.48 7.81
CA ASP A 225 -7.13 2.77 6.72
C ASP A 225 -8.38 3.46 6.17
N LYS A 226 -8.73 4.62 6.74
CA LYS A 226 -9.78 5.47 6.18
C LYS A 226 -9.23 6.61 5.33
N SER A 227 -7.93 6.80 5.35
CA SER A 227 -7.35 7.93 4.57
C SER A 227 -7.56 7.72 3.08
N HIS A 228 -7.88 8.80 2.37
CA HIS A 228 -7.91 8.76 0.91
C HIS A 228 -6.61 8.22 0.29
N GLN A 229 -5.47 8.38 0.96
CA GLN A 229 -4.19 7.97 0.42
C GLN A 229 -3.60 6.69 1.07
N TRP A 230 -4.43 5.95 1.78
CA TRP A 230 -4.06 4.64 2.31
C TRP A 230 -3.75 3.69 1.17
N VAL A 231 -2.82 2.79 1.40
CA VAL A 231 -2.49 1.73 0.46
C VAL A 231 -2.83 0.40 1.13
N HIS A 232 -3.72 -0.38 0.51
CA HIS A 232 -4.03 -1.71 1.00
C HIS A 232 -2.73 -2.50 1.14
N PRO A 233 -2.57 -3.31 2.18
CA PRO A 233 -1.31 -4.03 2.35
C PRO A 233 -0.97 -4.87 1.12
N LYS A 234 -1.99 -5.42 0.43
CA LYS A 234 -1.68 -6.20 -0.76
C LYS A 234 -0.99 -5.36 -1.83
N ASN A 235 -1.37 -4.10 -1.91
CA ASN A 235 -0.78 -3.19 -2.88
C ASN A 235 0.58 -2.64 -2.46
N VAL A 236 0.93 -2.79 -1.17
CA VAL A 236 2.32 -2.65 -0.74
C VAL A 236 3.16 -3.86 -1.20
N TYR A 237 2.65 -5.07 -0.99
CA TYR A 237 3.32 -6.29 -1.43
C TYR A 237 3.53 -6.32 -2.93
N TYR A 238 2.49 -5.99 -3.70
CA TYR A 238 2.56 -6.08 -5.17
C TYR A 238 3.18 -4.85 -5.81
N GLY A 239 2.98 -3.67 -5.22
CA GLY A 239 3.28 -2.43 -5.91
C GLY A 239 4.35 -1.59 -5.20
N VAL A 240 3.98 -1.01 -4.07
CA VAL A 240 4.83 -0.01 -3.42
C VAL A 240 6.21 -0.58 -3.09
N ALA A 241 6.28 -1.71 -2.39
CA ALA A 241 7.54 -2.25 -1.91
C ALA A 241 8.45 -2.67 -3.08
N PRO A 242 7.98 -3.48 -4.02
CA PRO A 242 8.86 -3.87 -5.15
C PRO A 242 9.34 -2.71 -6.00
N VAL A 243 8.46 -1.74 -6.26
CA VAL A 243 8.87 -0.54 -6.97
C VAL A 243 9.93 0.26 -6.22
N ALA A 244 9.66 0.53 -4.95
CA ALA A 244 10.58 1.38 -4.18
C ALA A 244 11.95 0.69 -4.05
N GLN A 245 11.91 -0.63 -3.90
CA GLN A 245 13.10 -1.41 -3.64
C GLN A 245 13.98 -1.62 -4.88
N LYS A 246 13.52 -1.18 -6.04
CA LYS A 246 14.40 -1.20 -7.22
C LYS A 246 15.58 -0.24 -7.08
N LYS A 247 15.45 0.76 -6.22
CA LYS A 247 16.50 1.73 -6.00
C LYS A 247 17.59 1.20 -5.05
N ASP A 248 18.85 1.35 -5.45
CA ASP A 248 19.99 0.94 -4.63
C ASP A 248 19.97 1.51 -3.21
N ASN A 249 19.44 2.72 -3.09
CA ASN A 249 19.38 3.44 -1.82
C ASN A 249 18.03 3.38 -1.13
N TYR A 250 17.19 2.42 -1.50
CA TYR A 250 16.00 2.11 -0.68
C TYR A 250 16.42 1.73 0.74
N GLY A 251 15.72 2.31 1.73
CA GLY A 251 16.02 2.11 3.13
C GLY A 251 14.96 1.39 3.95
N GLY A 252 13.69 1.57 3.61
CA GLY A 252 12.59 0.98 4.36
C GLY A 252 11.26 1.66 4.17
N ILE A 253 10.39 1.43 5.14
CA ILE A 253 9.05 2.03 5.16
C ILE A 253 8.91 2.87 6.42
N MET A 254 8.34 4.06 6.29
CA MET A 254 8.02 4.89 7.42
C MET A 254 6.50 4.87 7.56
N LEU A 255 6.01 4.80 8.79
CA LEU A 255 4.57 4.78 9.04
C LEU A 255 4.14 5.98 9.89
N TRP A 256 3.12 6.65 9.40
CA TRP A 256 2.41 7.68 10.13
C TRP A 256 1.06 7.10 10.58
N ASP A 257 0.81 6.89 11.87
CA ASP A 257 1.74 7.02 12.99
C ASP A 257 1.43 5.90 13.97
N ARG A 258 2.01 5.95 15.17
CA ARG A 258 1.77 4.87 16.12
C ARG A 258 0.27 4.77 16.47
N TYR A 259 -0.40 5.90 16.61
CA TYR A 259 -1.82 5.90 16.95
C TYR A 259 -2.61 5.13 15.90
N PHE A 260 -2.43 5.49 14.63
CA PHE A 260 -3.17 4.77 13.58
C PHE A 260 -2.72 3.31 13.52
N ASP A 261 -1.42 3.05 13.65
CA ASP A 261 -0.95 1.68 13.51
C ASP A 261 -1.45 0.81 14.66
N LYS A 262 -1.57 1.37 15.85
CA LYS A 262 -2.13 0.65 17.00
C LYS A 262 -3.57 0.25 16.74
N GLN A 263 -4.34 1.11 16.09
CA GLN A 263 -5.74 0.81 15.78
C GLN A 263 -5.87 -0.24 14.67
N THR A 264 -4.98 -0.23 13.69
CA THR A 264 -5.23 -0.99 12.45
C THR A 264 -4.30 -2.19 12.22
N ASN A 265 -3.19 -2.26 12.96
CA ASN A 265 -2.19 -3.29 12.80
C ASN A 265 -1.61 -3.37 11.39
N TYR A 266 -1.52 -2.22 10.74
CA TYR A 266 -0.92 -2.15 9.41
C TYR A 266 0.48 -2.75 9.37
N SER A 267 1.31 -2.44 10.38
CA SER A 267 2.70 -2.92 10.42
C SER A 267 2.80 -4.44 10.56
N SER A 268 1.76 -5.11 11.05
CA SER A 268 1.82 -6.59 11.19
C SER A 268 2.09 -7.31 9.88
N LEU A 269 1.59 -6.75 8.78
CA LEU A 269 1.98 -7.22 7.45
C LEU A 269 3.11 -6.40 6.85
N ILE A 270 3.09 -5.06 7.01
CA ILE A 270 4.10 -4.22 6.37
C ILE A 270 5.52 -4.58 6.74
N LYS A 271 5.73 -5.05 7.97
CA LYS A 271 7.08 -5.40 8.39
C LYS A 271 7.70 -6.52 7.56
N TYR A 272 6.86 -7.34 6.95
CA TYR A 272 7.30 -8.40 6.03
C TYR A 272 7.61 -7.92 4.60
N TYR A 273 7.13 -6.72 4.23
CA TYR A 273 7.33 -6.18 2.89
C TYR A 273 8.49 -5.18 2.85
N ALA A 274 8.81 -4.58 4.01
CA ALA A 274 9.81 -3.50 4.07
C ALA A 274 11.21 -4.01 3.85
N ALA B 3 -11.05 -35.34 -5.31
CA ALA B 3 -12.08 -34.31 -5.60
C ALA B 3 -11.43 -33.12 -6.31
N SER B 4 -12.26 -32.37 -7.03
CA SER B 4 -11.82 -31.15 -7.72
C SER B 4 -12.74 -30.02 -7.34
N LEU B 5 -12.20 -28.92 -6.84
CA LEU B 5 -13.06 -27.78 -6.48
C LEU B 5 -13.88 -27.30 -7.67
N ASN B 6 -13.24 -27.16 -8.82
CA ASN B 6 -13.94 -26.67 -9.99
C ASN B 6 -15.03 -27.63 -10.44
N ASP B 7 -14.73 -28.93 -10.53
CA ASP B 7 -15.73 -29.90 -11.00
C ASP B 7 -16.94 -29.90 -10.06
N LEU B 8 -16.67 -29.80 -8.76
CA LEU B 8 -17.74 -29.81 -7.76
C LEU B 8 -18.61 -28.57 -7.85
N PHE B 9 -17.99 -27.41 -8.07
CA PHE B 9 -18.75 -26.17 -8.07
C PHE B 9 -19.55 -26.07 -9.37
N VAL B 10 -19.02 -26.60 -10.47
CA VAL B 10 -19.73 -26.65 -11.74
C VAL B 10 -20.93 -27.60 -11.61
N ALA B 11 -20.71 -28.73 -10.94
CA ALA B 11 -21.79 -29.70 -10.74
C ALA B 11 -22.90 -29.07 -9.87
N ALA B 12 -22.52 -28.14 -9.00
CA ALA B 12 -23.45 -27.39 -8.14
C ALA B 12 -24.16 -26.25 -8.85
N GLY B 13 -23.80 -26.01 -10.11
CA GLY B 13 -24.53 -25.10 -10.98
C GLY B 13 -23.83 -23.79 -11.27
N LYS B 14 -22.58 -23.69 -10.87
CA LYS B 14 -21.81 -22.48 -11.08
C LYS B 14 -20.90 -22.65 -12.31
N SER B 15 -20.24 -21.56 -12.69
CA SER B 15 -19.39 -21.60 -13.88
C SER B 15 -18.00 -22.10 -13.65
N TYR B 16 -17.43 -21.76 -12.49
CA TYR B 16 -16.04 -22.10 -12.20
C TYR B 16 -15.69 -21.90 -10.75
N PHE B 17 -14.61 -22.57 -10.34
CA PHE B 17 -13.84 -22.28 -9.13
C PHE B 17 -12.41 -22.00 -9.63
N GLY B 18 -11.89 -20.81 -9.33
CA GLY B 18 -10.64 -20.38 -9.93
C GLY B 18 -9.54 -20.01 -8.97
N THR B 19 -8.37 -19.70 -9.52
CA THR B 19 -7.24 -19.25 -8.73
C THR B 19 -6.47 -18.19 -9.50
N CYS B 20 -5.40 -17.68 -8.91
CA CYS B 20 -4.44 -16.86 -9.67
C CYS B 20 -3.18 -17.67 -9.90
N SER B 21 -2.42 -17.26 -10.91
CA SER B 21 -1.12 -17.84 -11.17
C SER B 21 -0.35 -16.97 -12.16
N ASP B 22 0.81 -17.46 -12.57
CA ASP B 22 1.62 -16.79 -13.57
C ASP B 22 2.77 -17.74 -13.86
N GLN B 23 3.61 -17.36 -14.79
CA GLN B 23 4.58 -18.27 -15.39
C GLN B 23 5.40 -19.05 -14.37
N ALA B 24 6.05 -18.37 -13.44
CA ALA B 24 6.92 -19.07 -12.48
C ALA B 24 6.19 -20.14 -11.68
N LEU B 25 5.00 -19.78 -11.21
CA LEU B 25 4.15 -20.71 -10.46
C LEU B 25 3.61 -21.87 -11.29
N LEU B 26 3.38 -21.63 -12.59
CA LEU B 26 2.87 -22.67 -13.47
C LEU B 26 4.03 -23.60 -13.85
N GLN B 27 5.24 -23.14 -13.65
CA GLN B 27 6.43 -23.95 -13.95
C GLN B 27 6.85 -24.79 -12.75
N ASN B 28 6.32 -24.48 -11.58
CA ASN B 28 6.51 -25.28 -10.39
C ASN B 28 5.65 -26.54 -10.43
N SER B 29 6.27 -27.73 -10.46
CA SER B 29 5.48 -28.92 -10.75
C SER B 29 4.46 -29.28 -9.66
N GLN B 30 4.78 -29.01 -8.39
CA GLN B 30 3.78 -29.21 -7.33
C GLN B 30 2.59 -28.27 -7.46
N ASN B 31 2.86 -27.00 -7.73
CA ASN B 31 1.79 -26.02 -7.85
C ASN B 31 0.96 -26.32 -9.09
N GLU B 32 1.64 -26.61 -10.19
CA GLU B 32 0.96 -26.81 -11.47
C GLU B 32 0.00 -27.99 -11.40
N ALA B 33 0.37 -29.07 -10.72
CA ALA B 33 -0.55 -30.20 -10.62
C ALA B 33 -1.89 -29.84 -9.96
N ILE B 34 -1.83 -28.94 -8.99
CA ILE B 34 -3.03 -28.48 -8.29
C ILE B 34 -3.84 -27.56 -9.19
N VAL B 35 -3.18 -26.63 -9.86
CA VAL B 35 -3.89 -25.78 -10.83
C VAL B 35 -4.60 -26.66 -11.82
N ALA B 36 -3.92 -27.66 -12.37
CA ALA B 36 -4.53 -28.54 -13.36
C ALA B 36 -5.78 -29.26 -12.84
N SER B 37 -5.69 -29.84 -11.65
CA SER B 37 -6.76 -30.70 -11.16
C SER B 37 -7.94 -29.93 -10.53
N GLN B 38 -7.67 -28.75 -9.97
CA GLN B 38 -8.63 -28.11 -9.08
C GLN B 38 -9.33 -26.88 -9.63
N PHE B 39 -8.68 -26.13 -10.51
CA PHE B 39 -9.15 -24.80 -10.86
C PHE B 39 -9.45 -24.66 -12.35
N GLY B 40 -10.66 -24.23 -12.67
CA GLY B 40 -11.11 -24.10 -14.03
C GLY B 40 -10.83 -22.78 -14.70
N VAL B 41 -10.47 -21.79 -13.90
CA VAL B 41 -10.20 -20.44 -14.35
C VAL B 41 -8.98 -19.94 -13.64
N ILE B 42 -8.14 -19.18 -14.35
CA ILE B 42 -6.97 -18.56 -13.78
C ILE B 42 -6.95 -17.08 -14.08
N THR B 43 -6.54 -16.29 -13.08
CA THR B 43 -6.27 -14.88 -13.22
C THR B 43 -4.77 -14.66 -13.19
N PRO B 44 -4.19 -13.94 -14.15
CA PRO B 44 -2.76 -13.64 -14.02
C PRO B 44 -2.52 -12.75 -12.79
N GLU B 45 -1.60 -13.17 -11.94
CA GLU B 45 -1.32 -12.45 -10.71
C GLU B 45 -0.73 -11.07 -10.95
N ASN B 46 0.14 -10.95 -11.95
CA ASN B 46 0.81 -9.69 -12.30
C ASN B 46 0.99 -9.44 -13.80
N SER B 47 0.97 -10.47 -14.63
CA SER B 47 1.49 -10.36 -16.00
C SER B 47 0.64 -9.57 -16.98
N MET B 48 -0.59 -9.24 -16.59
CA MET B 48 -1.47 -8.43 -17.43
C MET B 48 -1.72 -7.05 -16.88
N LYS B 49 -0.93 -6.65 -15.88
CA LYS B 49 -1.02 -5.31 -15.35
C LYS B 49 -0.27 -4.36 -16.27
N TRP B 50 -0.59 -3.09 -16.20
CA TRP B 50 -0.13 -2.15 -17.21
C TRP B 50 1.37 -2.03 -17.16
N ASP B 51 1.97 -2.05 -15.96
CA ASP B 51 3.41 -1.98 -15.90
C ASP B 51 4.16 -3.10 -16.60
N ALA B 52 3.55 -4.29 -16.66
CA ALA B 52 4.11 -5.42 -17.40
C ALA B 52 3.82 -5.32 -18.88
N LEU B 53 2.63 -4.91 -19.26
CA LEU B 53 2.19 -4.95 -20.66
C LEU B 53 2.64 -3.77 -21.50
N GLU B 54 2.75 -2.59 -20.91
CA GLU B 54 3.08 -1.39 -21.69
C GLU B 54 4.02 -0.51 -20.86
N PRO B 55 5.26 -0.99 -20.66
CA PRO B 55 6.24 -0.32 -19.79
C PRO B 55 6.75 1.04 -20.31
N SER B 56 6.64 1.29 -21.61
CA SER B 56 6.79 2.62 -22.16
C SER B 56 5.72 2.83 -23.22
N GLN B 57 5.40 4.06 -23.56
CA GLN B 57 4.20 4.31 -24.38
C GLN B 57 4.31 3.64 -25.76
N GLY B 58 3.31 2.85 -26.13
CA GLY B 58 3.29 2.17 -27.41
C GLY B 58 4.22 1.00 -27.62
N ASN B 59 5.00 0.64 -26.59
CA ASN B 59 5.92 -0.50 -26.61
C ASN B 59 5.40 -1.59 -25.67
N PHE B 60 4.68 -2.56 -26.23
CA PHE B 60 4.05 -3.59 -25.44
C PHE B 60 4.94 -4.80 -25.28
N GLY B 61 4.77 -5.45 -24.16
CA GLY B 61 5.51 -6.64 -23.78
C GLY B 61 4.54 -7.71 -23.37
N TRP B 62 4.60 -8.84 -24.03
CA TRP B 62 3.53 -9.79 -23.92
C TRP B 62 3.95 -11.12 -23.32
N SER B 63 5.24 -11.32 -23.07
CA SER B 63 5.73 -12.70 -22.83
C SER B 63 5.04 -13.44 -21.68
N GLY B 64 4.96 -12.81 -20.52
CA GLY B 64 4.34 -13.44 -19.36
C GLY B 64 2.86 -13.71 -19.52
N ALA B 65 2.13 -12.72 -20.03
CA ALA B 65 0.71 -12.83 -20.26
C ALA B 65 0.42 -13.89 -21.31
N ASP B 66 1.22 -13.91 -22.39
CA ASP B 66 1.07 -14.96 -23.39
C ASP B 66 1.27 -16.36 -22.79
N TYR B 67 2.25 -16.51 -21.89
CA TYR B 67 2.52 -17.81 -21.27
C TYR B 67 1.28 -18.32 -20.52
N LEU B 68 0.65 -17.44 -19.73
CA LEU B 68 -0.51 -17.82 -18.94
C LEU B 68 -1.71 -18.14 -19.84
N VAL B 69 -1.94 -17.32 -20.88
CA VAL B 69 -3.05 -17.58 -21.77
C VAL B 69 -2.83 -18.90 -22.51
N ASP B 70 -1.61 -19.15 -22.97
CA ASP B 70 -1.30 -20.42 -23.64
C ASP B 70 -1.43 -21.59 -22.69
N TYR B 71 -1.02 -21.45 -21.42
CA TYR B 71 -1.23 -22.51 -20.44
C TYR B 71 -2.73 -22.84 -20.31
N ALA B 72 -3.55 -21.79 -20.20
CA ALA B 72 -4.97 -21.97 -20.03
C ALA B 72 -5.59 -22.62 -21.26
N THR B 73 -5.20 -22.17 -22.46
CA THR B 73 -5.73 -22.74 -23.69
C THR B 73 -5.44 -24.25 -23.72
N GLN B 74 -4.19 -24.58 -23.50
CA GLN B 74 -3.76 -25.98 -23.53
C GLN B 74 -4.45 -26.86 -22.52
N HIS B 75 -4.77 -26.29 -21.35
CA HIS B 75 -5.42 -27.01 -20.24
C HIS B 75 -6.94 -26.90 -20.23
N ASN B 76 -7.54 -26.33 -21.28
CA ASN B 76 -8.99 -26.16 -21.33
C ASN B 76 -9.51 -25.40 -20.12
N LYS B 77 -8.74 -24.40 -19.73
CA LYS B 77 -9.12 -23.48 -18.65
C LYS B 77 -9.41 -22.11 -19.24
N LYS B 78 -10.21 -21.33 -18.53
CA LYS B 78 -10.49 -19.96 -18.94
C LYS B 78 -9.74 -18.93 -18.07
N VAL B 79 -9.79 -17.66 -18.50
CA VAL B 79 -8.93 -16.62 -17.97
C VAL B 79 -9.75 -15.40 -17.59
N ARG B 80 -9.43 -14.83 -16.44
CA ARG B 80 -9.89 -13.49 -16.08
C ARG B 80 -8.74 -12.56 -16.33
N GLY B 81 -8.83 -11.76 -17.38
CA GLY B 81 -7.81 -10.79 -17.69
C GLY B 81 -7.83 -9.71 -16.61
N HIS B 82 -6.66 -9.35 -16.11
CA HIS B 82 -6.49 -8.51 -14.92
C HIS B 82 -5.21 -7.69 -15.02
N THR B 83 -5.25 -6.35 -15.14
CA THR B 83 -6.45 -5.50 -15.16
C THR B 83 -6.09 -4.29 -16.03
N LEU B 84 -7.06 -3.73 -16.73
CA LEU B 84 -6.77 -2.78 -17.79
C LEU B 84 -6.49 -1.35 -17.32
N VAL B 85 -7.27 -0.86 -16.36
CA VAL B 85 -7.17 0.51 -15.85
C VAL B 85 -7.14 0.46 -14.34
N TRP B 86 -6.02 0.92 -13.77
CA TRP B 86 -5.79 0.82 -12.33
C TRP B 86 -4.66 1.80 -11.97
N HIS B 87 -4.77 2.40 -10.80
CA HIS B 87 -3.75 3.35 -10.35
C HIS B 87 -2.50 2.69 -9.84
N SER B 88 -2.60 1.43 -9.44
CA SER B 88 -1.43 0.74 -8.86
C SER B 88 -0.76 -0.11 -9.93
N GLN B 89 0.52 -0.37 -9.75
CA GLN B 89 1.30 -1.07 -10.77
C GLN B 89 1.09 -0.49 -12.17
N LEU B 90 1.06 0.84 -12.18
CA LEU B 90 0.93 1.62 -13.39
C LEU B 90 2.28 2.28 -13.67
N PRO B 91 2.75 2.25 -14.90
CA PRO B 91 4.06 2.88 -15.16
C PRO B 91 4.04 4.40 -14.92
N SER B 92 5.15 4.95 -14.47
CA SER B 92 5.19 6.37 -14.12
C SER B 92 4.90 7.27 -15.36
N TRP B 93 5.16 6.77 -16.56
CA TRP B 93 4.92 7.56 -17.78
C TRP B 93 3.43 7.90 -17.93
N VAL B 94 2.57 7.04 -17.40
CA VAL B 94 1.14 7.30 -17.47
C VAL B 94 0.73 8.36 -16.47
N SER B 95 1.17 8.27 -15.22
CA SER B 95 0.71 9.27 -14.25
C SER B 95 1.35 10.67 -14.50
N SER B 96 2.39 10.73 -15.34
CA SER B 96 3.03 12.00 -15.72
C SER B 96 2.27 12.75 -16.82
N ILE B 97 1.28 12.12 -17.43
CA ILE B 97 0.47 12.76 -18.47
C ILE B 97 -0.29 13.91 -17.85
N GLY B 98 -0.20 15.07 -18.47
CA GLY B 98 -0.78 16.28 -17.88
C GLY B 98 -2.04 16.76 -18.56
N ASP B 99 -2.40 16.08 -19.65
CA ASP B 99 -3.39 16.57 -20.58
C ASP B 99 -4.50 15.49 -20.72
N ALA B 100 -5.77 15.86 -20.46
CA ALA B 100 -6.91 14.95 -20.62
C ALA B 100 -6.95 14.24 -21.95
N ASN B 101 -6.83 14.97 -23.06
CA ASN B 101 -6.95 14.32 -24.36
C ASN B 101 -5.85 13.30 -24.62
N THR B 102 -4.64 13.61 -24.14
CA THR B 102 -3.55 12.68 -24.24
C THR B 102 -3.86 11.40 -23.45
N LEU B 103 -4.37 11.57 -22.23
CA LEU B 103 -4.71 10.38 -21.42
C LEU B 103 -5.80 9.55 -22.08
N ARG B 104 -6.83 10.20 -22.65
CA ARG B 104 -7.89 9.49 -23.35
C ARG B 104 -7.26 8.65 -24.48
N SER B 105 -6.33 9.22 -25.24
CA SER B 105 -5.71 8.45 -26.33
C SER B 105 -4.90 7.27 -25.78
N VAL B 106 -4.10 7.56 -24.75
CA VAL B 106 -3.24 6.56 -24.14
C VAL B 106 -4.03 5.40 -23.54
N MET B 107 -5.09 5.73 -22.78
CA MET B 107 -5.91 4.71 -22.16
C MET B 107 -6.69 3.91 -23.20
N THR B 108 -7.24 4.59 -24.20
CA THR B 108 -7.96 3.87 -25.25
C THR B 108 -7.04 2.88 -25.98
N ASN B 109 -5.86 3.35 -26.35
CA ASN B 109 -4.86 2.52 -27.01
C ASN B 109 -4.41 1.34 -26.18
N HIS B 110 -4.15 1.57 -24.90
CA HIS B 110 -3.76 0.49 -24.01
C HIS B 110 -4.80 -0.63 -24.00
N ILE B 111 -6.06 -0.24 -23.77
CA ILE B 111 -7.16 -1.20 -23.73
C ILE B 111 -7.37 -1.89 -25.08
N ASN B 112 -7.39 -1.11 -26.15
CA ASN B 112 -7.62 -1.66 -27.47
C ASN B 112 -6.56 -2.72 -27.84
N GLU B 113 -5.29 -2.45 -27.55
CA GLU B 113 -4.23 -3.37 -27.91
C GLU B 113 -4.24 -4.63 -27.06
N VAL B 114 -4.50 -4.46 -25.76
CA VAL B 114 -4.46 -5.60 -24.85
C VAL B 114 -5.66 -6.50 -25.05
N VAL B 115 -6.86 -5.93 -25.04
CA VAL B 115 -8.09 -6.69 -25.27
C VAL B 115 -8.05 -7.30 -26.68
N GLY B 116 -7.53 -6.54 -27.64
CA GLY B 116 -7.52 -7.01 -29.02
C GLY B 116 -6.57 -8.19 -29.21
N ARG B 117 -5.42 -8.14 -28.57
CA ARG B 117 -4.45 -9.21 -28.71
C ARG B 117 -5.08 -10.53 -28.29
N TYR B 118 -5.79 -10.49 -27.17
CA TYR B 118 -6.38 -11.71 -26.59
C TYR B 118 -7.82 -11.96 -26.97
N LYS B 119 -8.31 -11.25 -28.02
CA LYS B 119 -9.70 -11.37 -28.45
C LYS B 119 -10.11 -12.84 -28.61
N GLY B 120 -11.23 -13.20 -27.99
CA GLY B 120 -11.81 -14.53 -28.07
C GLY B 120 -11.19 -15.55 -27.11
N LYS B 121 -10.18 -15.13 -26.35
CA LYS B 121 -9.47 -16.01 -25.43
C LYS B 121 -9.67 -15.65 -23.95
N ILE B 122 -10.51 -14.66 -23.67
CA ILE B 122 -10.66 -14.13 -22.31
C ILE B 122 -12.10 -14.18 -21.85
N MET B 123 -12.35 -14.80 -20.71
CA MET B 123 -13.69 -14.96 -20.22
C MET B 123 -14.24 -13.67 -19.60
N HIS B 124 -13.45 -13.09 -18.70
CA HIS B 124 -13.78 -11.83 -18.04
C HIS B 124 -12.59 -10.90 -18.20
N TRP B 125 -12.84 -9.60 -18.33
CA TRP B 125 -11.78 -8.59 -18.13
C TRP B 125 -12.14 -7.76 -16.93
N ASP B 126 -11.17 -7.56 -16.03
CA ASP B 126 -11.29 -6.51 -15.01
C ASP B 126 -10.88 -5.24 -15.71
N VAL B 127 -11.87 -4.53 -16.22
CA VAL B 127 -11.63 -3.35 -17.03
C VAL B 127 -11.13 -2.19 -16.18
N VAL B 128 -11.83 -1.90 -15.08
CA VAL B 128 -11.34 -0.92 -14.11
C VAL B 128 -11.26 -1.56 -12.76
N ASN B 129 -10.25 -1.19 -12.01
CA ASN B 129 -9.94 -1.82 -10.73
C ASN B 129 -9.77 -0.75 -9.66
N GLU B 130 -10.42 -0.96 -8.51
CA GLU B 130 -10.16 -0.16 -7.30
C GLU B 130 -10.31 1.33 -7.52
N ILE B 131 -11.40 1.70 -8.17
CA ILE B 131 -11.66 3.09 -8.51
C ILE B 131 -12.32 3.90 -7.38
N PHE B 132 -12.79 3.24 -6.32
CA PHE B 132 -13.50 3.89 -5.21
C PHE B 132 -12.65 4.03 -3.95
N ASN B 133 -12.80 5.16 -3.29
CA ASN B 133 -12.32 5.32 -1.93
C ASN B 133 -13.29 4.65 -0.98
N GLU B 134 -12.84 4.45 0.25
CA GLU B 134 -13.63 3.77 1.26
C GLU B 134 -14.94 4.50 1.54
N ASP B 135 -14.93 5.84 1.40
CA ASP B 135 -16.14 6.59 1.70
C ASP B 135 -17.07 6.74 0.50
N GLY B 136 -16.74 6.08 -0.60
CA GLY B 136 -17.61 6.04 -1.77
C GLY B 136 -17.31 7.07 -2.84
N THR B 137 -16.33 7.94 -2.62
CA THR B 137 -15.92 8.87 -3.65
C THR B 137 -14.98 8.18 -4.60
N PHE B 138 -14.73 8.80 -5.74
CA PHE B 138 -13.75 8.27 -6.70
C PHE B 138 -12.35 8.55 -6.24
N ARG B 139 -11.51 7.51 -6.28
CA ARG B 139 -10.09 7.62 -6.05
C ARG B 139 -9.49 8.61 -7.04
N ASN B 140 -8.72 9.54 -6.49
CA ASN B 140 -8.13 10.61 -7.30
C ASN B 140 -6.83 10.11 -8.00
N SER B 141 -7.00 9.14 -8.88
CA SER B 141 -5.94 8.65 -9.76
C SER B 141 -5.76 9.61 -10.94
N VAL B 142 -4.75 9.37 -11.77
CA VAL B 142 -4.57 10.16 -12.98
C VAL B 142 -5.81 10.04 -13.90
N PHE B 143 -6.43 8.86 -13.95
CA PHE B 143 -7.63 8.67 -14.76
C PHE B 143 -8.82 9.54 -14.31
N TYR B 144 -9.10 9.55 -13.02
CA TYR B 144 -10.22 10.35 -12.51
C TYR B 144 -9.88 11.83 -12.53
N ASN B 145 -8.65 12.18 -12.18
CA ASN B 145 -8.28 13.59 -12.08
C ASN B 145 -8.32 14.29 -13.43
N LEU B 146 -7.94 13.59 -14.49
CA LEU B 146 -7.95 14.21 -15.84
C LEU B 146 -9.23 13.99 -16.63
N LEU B 147 -9.83 12.81 -16.52
CA LEU B 147 -11.01 12.47 -17.32
C LEU B 147 -12.33 12.44 -16.58
N GLY B 148 -12.28 12.50 -15.27
CA GLY B 148 -13.46 12.43 -14.46
C GLY B 148 -14.11 11.08 -14.55
N GLU B 149 -15.35 11.04 -14.11
CA GLU B 149 -16.12 9.83 -14.02
C GLU B 149 -16.21 9.19 -15.41
N ASP B 150 -16.09 10.00 -16.47
CA ASP B 150 -16.16 9.49 -17.82
C ASP B 150 -15.03 8.50 -18.19
N PHE B 151 -13.92 8.47 -17.42
CA PHE B 151 -12.91 7.44 -17.72
C PHE B 151 -13.49 6.02 -17.69
N VAL B 152 -14.47 5.78 -16.83
CA VAL B 152 -15.10 4.46 -16.69
C VAL B 152 -15.83 4.12 -18.00
N ARG B 153 -16.67 5.05 -18.46
CA ARG B 153 -17.43 4.77 -19.67
C ARG B 153 -16.53 4.58 -20.89
N ILE B 154 -15.50 5.39 -21.01
CA ILE B 154 -14.55 5.25 -22.10
C ILE B 154 -13.88 3.88 -22.04
N ALA B 155 -13.45 3.47 -20.85
CA ALA B 155 -12.74 2.20 -20.71
C ALA B 155 -13.64 1.02 -21.08
N PHE B 156 -14.86 1.00 -20.58
CA PHE B 156 -15.76 -0.11 -20.90
C PHE B 156 -16.12 -0.11 -22.38
N GLU B 157 -16.43 1.05 -22.94
CA GLU B 157 -16.74 1.10 -24.37
C GLU B 157 -15.60 0.59 -25.24
N THR B 158 -14.38 0.90 -24.86
CA THR B 158 -13.21 0.47 -25.61
C THR B 158 -13.06 -1.03 -25.52
N ALA B 159 -13.22 -1.59 -24.32
CA ALA B 159 -13.06 -3.04 -24.17
C ALA B 159 -14.12 -3.81 -24.92
N ARG B 160 -15.35 -3.34 -24.86
CA ARG B 160 -16.46 -3.98 -25.55
C ARG B 160 -16.20 -4.05 -27.05
N ALA B 161 -15.71 -2.97 -27.64
CA ALA B 161 -15.48 -2.93 -29.10
C ALA B 161 -14.34 -3.86 -29.49
N ALA B 162 -13.32 -3.96 -28.66
CA ALA B 162 -12.14 -4.76 -28.95
C ALA B 162 -12.38 -6.27 -28.80
N ASP B 163 -13.30 -6.66 -27.94
CA ASP B 163 -13.71 -8.07 -27.78
C ASP B 163 -15.12 -8.16 -27.24
N PRO B 164 -16.11 -8.18 -28.11
CA PRO B 164 -17.52 -8.26 -27.68
C PRO B 164 -17.92 -9.51 -26.87
N ASP B 165 -17.07 -10.54 -26.87
CA ASP B 165 -17.37 -11.81 -26.19
C ASP B 165 -16.87 -11.91 -24.76
N ALA B 166 -15.97 -11.02 -24.35
CA ALA B 166 -15.49 -11.01 -22.97
C ALA B 166 -16.53 -10.35 -22.09
N LYS B 167 -16.73 -10.87 -20.88
CA LYS B 167 -17.60 -10.22 -19.90
C LYS B 167 -16.74 -9.13 -19.21
N LEU B 168 -17.24 -7.90 -19.19
CA LEU B 168 -16.50 -6.76 -18.68
C LEU B 168 -16.90 -6.45 -17.27
N TYR B 169 -15.92 -6.49 -16.38
CA TYR B 169 -16.09 -6.30 -14.95
C TYR B 169 -15.47 -5.03 -14.42
N ILE B 170 -16.14 -4.46 -13.43
CA ILE B 170 -15.52 -3.51 -12.49
C ILE B 170 -15.26 -4.29 -11.21
N ASN B 171 -14.04 -4.17 -10.69
CA ASN B 171 -13.54 -4.97 -9.57
C ASN B 171 -13.09 -4.04 -8.43
N ASP B 172 -13.33 -4.44 -7.19
CA ASP B 172 -12.88 -3.67 -6.03
C ASP B 172 -12.88 -4.55 -4.80
N TYR B 173 -12.15 -4.07 -3.78
CA TYR B 173 -12.13 -4.68 -2.46
C TYR B 173 -12.99 -3.90 -1.49
N ASN B 174 -13.20 -4.53 -0.34
CA ASN B 174 -14.04 -4.00 0.72
C ASN B 174 -15.48 -3.75 0.30
N LEU B 175 -15.99 -4.64 -0.53
CA LEU B 175 -17.40 -4.67 -0.91
C LEU B 175 -18.06 -5.79 -0.12
N ASP B 176 -17.72 -5.91 1.17
CA ASP B 176 -18.02 -7.10 1.95
C ASP B 176 -19.18 -6.89 2.94
N SER B 177 -19.72 -5.68 2.94
CA SER B 177 -20.87 -5.33 3.78
C SER B 177 -21.82 -4.46 2.98
N ALA B 178 -23.09 -4.85 2.90
CA ALA B 178 -24.07 -4.12 2.08
C ALA B 178 -24.25 -2.67 2.47
N SER B 179 -24.12 -2.37 3.76
CA SER B 179 -24.44 -1.03 4.27
C SER B 179 -23.23 -0.12 4.29
N TYR B 180 -22.07 -0.66 3.96
CA TYR B 180 -20.83 0.15 3.91
C TYR B 180 -20.84 1.15 2.77
N ALA B 181 -20.36 2.37 3.02
CA ALA B 181 -20.36 3.41 2.01
C ALA B 181 -19.80 2.97 0.65
N LYS B 182 -18.74 2.17 0.66
CA LYS B 182 -18.06 1.83 -0.60
C LYS B 182 -18.93 0.90 -1.41
N THR B 183 -19.52 -0.07 -0.73
CA THR B 183 -20.40 -1.02 -1.37
C THR B 183 -21.61 -0.32 -1.97
N GLN B 184 -22.19 0.60 -1.20
CA GLN B 184 -23.34 1.35 -1.65
C GLN B 184 -23.01 2.21 -2.88
N ALA B 185 -21.81 2.78 -2.91
CA ALA B 185 -21.37 3.60 -4.03
C ALA B 185 -21.19 2.76 -5.28
N MET B 186 -20.56 1.61 -5.12
CA MET B 186 -20.38 0.73 -6.25
C MET B 186 -21.75 0.40 -6.84
N ALA B 187 -22.68 0.02 -5.99
CA ALA B 187 -24.01 -0.37 -6.46
C ALA B 187 -24.70 0.81 -7.13
N SER B 188 -24.63 1.97 -6.50
CA SER B 188 -25.28 3.16 -7.03
C SER B 188 -24.78 3.54 -8.40
N TYR B 189 -23.44 3.60 -8.53
CA TYR B 189 -22.84 3.98 -9.77
C TYR B 189 -23.05 2.94 -10.85
N VAL B 190 -22.93 1.66 -10.55
CA VAL B 190 -23.15 0.66 -11.60
C VAL B 190 -24.59 0.72 -12.10
N LYS B 191 -25.53 0.88 -11.18
CA LYS B 191 -26.94 0.99 -11.58
C LYS B 191 -27.13 2.16 -12.54
N LYS B 192 -26.50 3.29 -12.24
CA LYS B 192 -26.61 4.50 -13.06
C LYS B 192 -25.97 4.30 -14.43
N TRP B 193 -24.75 3.77 -14.44
CA TRP B 193 -24.03 3.51 -15.68
C TRP B 193 -24.75 2.50 -16.57
N LEU B 194 -25.38 1.48 -15.98
CA LEU B 194 -26.18 0.54 -16.77
C LEU B 194 -27.31 1.30 -17.49
N ALA B 195 -27.97 2.19 -16.76
CA ALA B 195 -29.10 2.97 -17.31
C ALA B 195 -28.68 3.91 -18.42
N GLU B 196 -27.42 4.33 -18.38
CA GLU B 196 -26.79 5.18 -19.38
C GLU B 196 -26.20 4.42 -20.56
N GLY B 197 -26.29 3.09 -20.55
CA GLY B 197 -25.82 2.28 -21.65
C GLY B 197 -24.35 1.85 -21.60
N VAL B 198 -23.70 2.06 -20.46
CA VAL B 198 -22.30 1.64 -20.31
C VAL B 198 -22.26 0.12 -20.30
N PRO B 199 -21.41 -0.50 -21.14
CA PRO B 199 -21.39 -1.97 -21.23
C PRO B 199 -20.63 -2.64 -20.09
N ILE B 200 -21.21 -2.61 -18.90
CA ILE B 200 -20.69 -3.34 -17.74
C ILE B 200 -21.47 -4.61 -17.62
N ASP B 201 -20.78 -5.75 -17.72
CA ASP B 201 -21.41 -7.06 -17.57
C ASP B 201 -21.36 -7.63 -16.16
N GLY B 202 -20.38 -7.19 -15.36
CA GLY B 202 -20.17 -7.77 -14.04
C GLY B 202 -19.58 -6.84 -13.01
N ILE B 203 -19.89 -7.10 -11.73
CA ILE B 203 -19.16 -6.54 -10.59
C ILE B 203 -18.38 -7.67 -9.92
N GLY B 204 -17.11 -7.39 -9.68
CA GLY B 204 -16.16 -8.28 -9.04
C GLY B 204 -15.89 -7.78 -7.65
N SER B 205 -16.06 -8.66 -6.67
CA SER B 205 -15.81 -8.35 -5.27
C SER B 205 -14.61 -9.17 -4.85
N GLN B 206 -13.54 -8.48 -4.49
CA GLN B 206 -12.25 -9.17 -4.26
C GLN B 206 -12.27 -10.08 -3.05
N ALA B 207 -12.86 -9.60 -1.93
CA ALA B 207 -13.08 -10.40 -0.73
C ALA B 207 -11.74 -10.79 -0.11
N HIS B 208 -10.92 -9.77 0.16
CA HIS B 208 -9.73 -9.93 0.94
C HIS B 208 -10.02 -9.71 2.41
N TYR B 209 -10.33 -10.79 3.12
CA TYR B 209 -10.71 -10.72 4.52
C TYR B 209 -9.51 -10.69 5.44
N SER B 210 -9.35 -9.56 6.13
CA SER B 210 -8.28 -9.43 7.11
C SER B 210 -8.66 -10.10 8.39
N SER B 211 -7.72 -10.07 9.34
CA SER B 211 -7.97 -10.64 10.66
C SER B 211 -8.83 -9.71 11.55
N SER B 212 -9.15 -8.52 11.06
CA SER B 212 -10.12 -7.65 11.71
C SER B 212 -11.05 -7.02 10.69
N HIS B 213 -11.89 -7.87 10.11
CA HIS B 213 -12.74 -7.52 8.99
C HIS B 213 -14.19 -7.52 9.38
N TRP B 214 -15.06 -7.11 8.44
CA TRP B 214 -16.48 -7.41 8.57
C TRP B 214 -16.65 -8.91 8.71
N SER B 215 -17.61 -9.32 9.52
CA SER B 215 -17.98 -10.73 9.62
C SER B 215 -18.34 -11.30 8.26
N SER B 216 -17.87 -12.53 8.00
CA SER B 216 -18.26 -13.25 6.80
C SER B 216 -19.77 -13.55 6.76
N THR B 217 -20.48 -13.36 7.86
CA THR B 217 -21.94 -13.47 7.84
C THR B 217 -22.59 -12.38 6.98
N GLU B 218 -21.87 -11.30 6.73
CA GLU B 218 -22.38 -10.21 5.90
C GLU B 218 -22.15 -10.43 4.42
N ALA B 219 -21.33 -11.43 4.05
CA ALA B 219 -20.93 -11.58 2.64
C ALA B 219 -22.10 -11.84 1.69
N ALA B 220 -23.07 -12.63 2.16
CA ALA B 220 -24.20 -12.97 1.31
C ALA B 220 -24.99 -11.72 0.92
N GLY B 221 -25.25 -10.88 1.90
CA GLY B 221 -26.06 -9.69 1.67
C GLY B 221 -25.29 -8.67 0.84
N ALA B 222 -23.98 -8.62 1.04
CA ALA B 222 -23.15 -7.69 0.29
C ALA B 222 -23.19 -8.07 -1.17
N LEU B 223 -22.93 -9.34 -1.47
CA LEU B 223 -22.89 -9.80 -2.85
C LEU B 223 -24.25 -9.63 -3.55
N SER B 224 -25.34 -9.88 -2.82
CA SER B 224 -26.68 -9.71 -3.40
C SER B 224 -26.95 -8.26 -3.68
N SER B 225 -26.44 -7.35 -2.85
CA SER B 225 -26.63 -5.92 -3.06
C SER B 225 -25.95 -5.47 -4.36
N LEU B 226 -24.82 -6.09 -4.69
CA LEU B 226 -24.14 -5.83 -5.96
C LEU B 226 -24.95 -6.38 -7.14
N ALA B 227 -25.52 -7.57 -6.98
CA ALA B 227 -26.32 -8.21 -8.02
C ALA B 227 -27.58 -7.40 -8.27
N ASN B 228 -28.12 -6.81 -7.20
CA ASN B 228 -29.40 -6.10 -7.24
C ASN B 228 -29.34 -4.76 -7.99
N THR B 229 -28.15 -4.36 -8.44
CA THR B 229 -28.00 -3.25 -9.38
C THR B 229 -28.66 -3.48 -10.75
N GLY B 230 -28.92 -4.74 -11.08
CA GLY B 230 -29.36 -5.14 -12.41
C GLY B 230 -28.22 -5.59 -13.32
N VAL B 231 -26.99 -5.57 -12.82
CA VAL B 231 -25.83 -6.04 -13.59
C VAL B 231 -26.06 -7.51 -13.90
N SER B 232 -25.51 -7.97 -15.00
CA SER B 232 -25.85 -9.33 -15.50
C SER B 232 -25.25 -10.43 -14.64
N GLU B 233 -24.07 -10.18 -14.10
CA GLU B 233 -23.41 -11.19 -13.25
C GLU B 233 -22.54 -10.55 -12.21
N VAL B 234 -22.20 -11.30 -11.18
CA VAL B 234 -21.18 -10.90 -10.21
C VAL B 234 -20.24 -12.08 -9.97
N ALA B 235 -19.09 -11.79 -9.39
CA ALA B 235 -18.12 -12.82 -9.05
C ALA B 235 -17.35 -12.41 -7.81
N ILE B 236 -16.90 -13.39 -7.07
CA ILE B 236 -15.93 -13.19 -6.01
C ILE B 236 -14.57 -13.45 -6.65
N THR B 237 -13.72 -12.44 -6.68
CA THR B 237 -12.58 -12.47 -7.58
C THR B 237 -11.20 -12.70 -6.98
N GLU B 238 -10.99 -12.44 -5.70
CA GLU B 238 -9.63 -12.56 -5.14
C GLU B 238 -9.70 -13.02 -3.69
N LEU B 239 -10.51 -14.04 -3.43
CA LEU B 239 -10.84 -14.43 -2.07
C LEU B 239 -9.60 -14.96 -1.35
N ASP B 240 -9.37 -14.41 -0.18
CA ASP B 240 -8.45 -14.98 0.80
C ASP B 240 -8.88 -14.50 2.17
N ILE B 241 -8.63 -15.31 3.19
CA ILE B 241 -9.22 -15.08 4.50
C ILE B 241 -8.19 -15.37 5.56
N ALA B 242 -7.84 -14.36 6.35
CA ALA B 242 -6.88 -14.57 7.45
C ALA B 242 -7.32 -15.72 8.33
N GLY B 243 -6.42 -16.68 8.50
CA GLY B 243 -6.68 -17.86 9.32
C GLY B 243 -7.36 -19.02 8.60
N ALA B 244 -8.03 -18.72 7.50
CA ALA B 244 -8.68 -19.70 6.63
C ALA B 244 -9.64 -20.62 7.40
N ALA B 245 -10.36 -20.07 8.36
CA ALA B 245 -11.33 -20.85 9.11
C ALA B 245 -12.34 -21.42 8.14
N SER B 246 -12.61 -22.72 8.28
CA SER B 246 -13.61 -23.34 7.43
C SER B 246 -14.95 -22.62 7.41
N SER B 247 -15.44 -22.15 8.56
CA SER B 247 -16.74 -21.54 8.62
C SER B 247 -16.78 -20.23 7.87
N ASP B 248 -15.67 -19.51 7.86
CA ASP B 248 -15.58 -18.29 7.03
C ASP B 248 -15.56 -18.61 5.54
N TYR B 249 -14.76 -19.62 5.15
CA TYR B 249 -14.75 -20.04 3.76
C TYR B 249 -16.12 -20.57 3.30
N LEU B 250 -16.85 -21.25 4.19
CA LEU B 250 -18.19 -21.74 3.82
C LEU B 250 -19.17 -20.58 3.68
N ASN B 251 -18.99 -19.54 4.50
CA ASN B 251 -19.86 -18.38 4.39
C ASN B 251 -19.67 -17.76 3.01
N LEU B 252 -18.43 -17.69 2.53
CA LEU B 252 -18.21 -17.11 1.22
C LEU B 252 -18.68 -18.02 0.09
N LEU B 253 -18.45 -19.33 0.22
CA LEU B 253 -19.02 -20.30 -0.71
C LEU B 253 -20.53 -20.12 -0.87
N ASN B 254 -21.21 -20.02 0.27
CA ASN B 254 -22.65 -19.88 0.26
C ASN B 254 -23.13 -18.52 -0.20
N ALA B 255 -22.34 -17.48 0.00
CA ALA B 255 -22.70 -16.19 -0.58
C ALA B 255 -22.83 -16.28 -2.09
N CYS B 256 -21.92 -17.02 -2.71
CA CYS B 256 -21.99 -17.26 -4.15
C CYS B 256 -23.15 -18.19 -4.47
N LEU B 257 -23.25 -19.31 -3.75
CA LEU B 257 -24.27 -20.33 -4.11
C LEU B 257 -25.68 -19.74 -4.05
N ASN B 258 -25.89 -18.86 -3.08
CA ASN B 258 -27.22 -18.30 -2.83
C ASN B 258 -27.56 -17.03 -3.61
N GLU B 259 -26.63 -16.59 -4.46
CA GLU B 259 -26.88 -15.49 -5.37
C GLU B 259 -26.88 -16.02 -6.79
N GLN B 260 -28.06 -16.00 -7.41
CA GLN B 260 -28.26 -16.53 -8.75
C GLN B 260 -27.28 -15.95 -9.76
N LYS B 261 -26.89 -14.68 -9.59
CA LYS B 261 -26.06 -14.02 -10.58
C LYS B 261 -24.54 -14.22 -10.39
N CYS B 262 -24.15 -14.83 -9.27
CA CYS B 262 -22.73 -15.09 -9.00
C CYS B 262 -22.30 -16.27 -9.85
N VAL B 263 -21.35 -16.04 -10.76
CA VAL B 263 -20.87 -17.07 -11.67
C VAL B 263 -19.79 -17.97 -11.10
N GLY B 264 -19.07 -17.49 -10.12
CA GLY B 264 -17.98 -18.29 -9.58
C GLY B 264 -17.21 -17.60 -8.49
N ILE B 265 -16.24 -18.34 -7.94
CA ILE B 265 -15.32 -17.83 -6.92
C ILE B 265 -13.91 -18.09 -7.44
N THR B 266 -13.07 -17.08 -7.33
CA THR B 266 -11.63 -17.26 -7.43
C THR B 266 -11.02 -17.07 -6.07
N VAL B 267 -10.21 -18.00 -5.62
CA VAL B 267 -9.36 -17.81 -4.44
C VAL B 267 -7.99 -17.33 -4.92
N TRP B 268 -7.37 -16.41 -4.18
CA TRP B 268 -6.21 -15.66 -4.67
C TRP B 268 -4.90 -16.42 -4.39
N GLY B 269 -4.79 -17.56 -5.06
CA GLY B 269 -3.61 -18.37 -5.07
C GLY B 269 -3.93 -19.80 -4.69
N VAL B 270 -2.87 -20.59 -4.65
CA VAL B 270 -2.95 -22.00 -4.33
C VAL B 270 -2.39 -22.22 -2.91
N SER B 271 -1.07 -22.11 -2.73
CA SER B 271 -0.43 -22.36 -1.44
C SER B 271 -0.28 -21.10 -0.62
N ASP B 272 -0.59 -21.18 0.66
CA ASP B 272 -0.26 -20.15 1.63
C ASP B 272 1.13 -19.52 1.43
N LYS B 273 2.15 -20.32 1.13
CA LYS B 273 3.50 -19.78 1.11
C LYS B 273 3.71 -18.75 -0.01
N ASP B 274 2.87 -18.81 -1.06
CA ASP B 274 2.97 -17.94 -2.21
C ASP B 274 2.00 -16.76 -2.18
N SER B 275 1.33 -16.57 -1.03
CA SER B 275 0.34 -15.50 -0.86
C SER B 275 1.05 -14.20 -0.50
N TRP B 276 0.44 -13.06 -0.86
CA TRP B 276 0.86 -11.76 -0.42
C TRP B 276 0.76 -11.62 1.08
N ARG B 277 -0.08 -12.46 1.68
CA ARG B 277 -0.38 -12.48 3.08
C ARG B 277 -0.01 -13.87 3.72
N ALA B 278 1.11 -14.49 3.31
CA ALA B 278 1.48 -15.85 3.75
C ALA B 278 1.44 -16.01 5.29
N SER B 279 1.84 -14.98 6.03
CA SER B 279 1.87 -15.05 7.51
C SER B 279 0.50 -15.26 8.15
N ASP B 280 -0.55 -14.95 7.40
CA ASP B 280 -1.92 -15.12 7.84
C ASP B 280 -2.56 -16.40 7.30
N SER B 281 -1.76 -17.28 6.70
CA SER B 281 -2.21 -18.61 6.23
C SER B 281 -3.61 -18.58 5.59
N PRO B 282 -3.81 -17.75 4.56
CA PRO B 282 -5.19 -17.38 4.15
C PRO B 282 -5.87 -18.18 3.03
N LEU B 283 -5.21 -19.21 2.52
CA LEU B 283 -5.61 -19.95 1.34
C LEU B 283 -6.01 -21.39 1.70
N LEU B 284 -6.31 -22.17 0.67
CA LEU B 284 -6.89 -23.51 0.84
C LEU B 284 -5.88 -24.64 0.89
N PHE B 285 -4.65 -24.35 0.48
CA PHE B 285 -3.53 -25.31 0.54
C PHE B 285 -2.40 -24.75 1.39
N ASP B 286 -1.72 -25.63 2.14
CA ASP B 286 -0.67 -25.20 3.05
C ASP B 286 0.67 -25.08 2.31
N GLY B 287 1.75 -24.84 3.06
CA GLY B 287 3.04 -24.53 2.49
C GLY B 287 3.70 -25.72 1.84
N ASN B 288 3.17 -26.93 2.08
CA ASN B 288 3.58 -28.09 1.30
C ASN B 288 2.51 -28.56 0.34
N TYR B 289 1.68 -27.63 -0.13
CA TYR B 289 0.67 -27.88 -1.16
C TYR B 289 -0.35 -28.96 -0.80
N GLN B 290 -0.63 -29.10 0.49
CA GLN B 290 -1.60 -30.07 0.98
C GLN B 290 -2.89 -29.34 1.35
N PRO B 291 -4.01 -29.98 1.08
CA PRO B 291 -5.32 -29.36 1.41
C PRO B 291 -5.44 -29.09 2.89
N LYS B 292 -6.04 -27.95 3.20
CA LYS B 292 -6.29 -27.56 4.58
C LYS B 292 -7.74 -27.84 4.94
N ASP B 293 -8.07 -27.59 6.19
CA ASP B 293 -9.41 -27.85 6.67
C ASP B 293 -10.49 -27.17 5.83
N ALA B 294 -10.27 -25.91 5.44
CA ALA B 294 -11.26 -25.19 4.63
C ALA B 294 -11.46 -25.86 3.27
N TYR B 295 -10.41 -26.43 2.69
CA TYR B 295 -10.56 -27.21 1.45
C TYR B 295 -11.51 -28.37 1.67
N ASN B 296 -11.24 -29.15 2.70
CA ASN B 296 -12.07 -30.31 2.98
C ASN B 296 -13.52 -29.93 3.28
N ALA B 297 -13.72 -28.79 3.95
CA ALA B 297 -15.05 -28.31 4.27
C ALA B 297 -15.81 -27.94 3.03
N ILE B 298 -15.13 -27.30 2.08
CA ILE B 298 -15.78 -26.94 0.83
C ILE B 298 -16.16 -28.21 0.06
N VAL B 299 -15.27 -29.18 0.07
CA VAL B 299 -15.56 -30.43 -0.63
C VAL B 299 -16.78 -31.10 0.02
N ASN B 300 -16.79 -31.18 1.35
CA ASN B 300 -17.95 -31.77 2.04
C ASN B 300 -19.25 -31.04 1.70
N ALA B 301 -19.20 -29.71 1.60
CA ALA B 301 -20.38 -28.89 1.38
C ALA B 301 -20.96 -29.08 -0.01
N LEU B 302 -20.10 -29.42 -0.98
CA LEU B 302 -20.49 -29.57 -2.37
C LEU B 302 -20.70 -31.02 -2.76
N SER B 303 -20.47 -31.91 -1.80
CA SER B 303 -20.53 -33.35 -2.04
C SER B 303 -21.80 -33.93 -1.42
C1 NAG C . -3.38 -5.95 16.88
C2 NAG C . -4.76 -6.55 17.08
C3 NAG C . -4.82 -6.90 18.55
C4 NAG C . -3.68 -7.90 18.85
C5 NAG C . -2.33 -7.43 18.28
C6 NAG C . -1.26 -8.51 18.33
C7 NAG C . -6.69 -5.90 15.74
C8 NAG C . -7.42 -4.75 15.12
N2 NAG C . -5.78 -5.62 16.66
O3 NAG C . -6.12 -7.41 18.88
O4 NAG C . -3.46 -8.01 20.22
O5 NAG C . -2.47 -7.02 16.93
O6 NAG C . -0.09 -7.94 17.77
O7 NAG C . -6.95 -7.07 15.40
C1 NAG D . 28.57 29.21 10.92
C2 NAG D . 29.31 28.63 9.70
C3 NAG D . 30.75 28.27 10.04
C4 NAG D . 31.41 29.50 10.66
C5 NAG D . 30.61 29.92 11.89
C6 NAG D . 31.22 31.12 12.61
C7 NAG D . 28.25 27.33 7.91
C8 NAG D . 27.93 25.94 7.44
N2 NAG D . 28.63 27.45 9.18
O3 NAG D . 31.42 27.90 8.84
O4 NAG D . 32.77 29.23 10.95
O5 NAG D . 29.34 30.31 11.43
O6 NAG D . 31.20 32.19 11.70
O7 NAG D . 28.15 28.27 7.13
C1 EDO E . 6.24 -5.17 -14.32
O1 EDO E . 6.71 -6.44 -14.69
C2 EDO E . 7.14 -4.59 -13.27
O2 EDO E . 8.31 -4.11 -13.89
C1 EDO F . 3.61 1.05 -7.41
O1 EDO F . 3.02 0.41 -8.55
C2 EDO F . 2.50 1.46 -6.48
O2 EDO F . 1.80 2.59 -7.03
C1 EDO G . 6.94 -3.80 -9.86
O1 EDO G . 7.37 -5.12 -10.18
C2 EDO G . 5.44 -3.83 -9.62
O2 EDO G . 4.80 -4.63 -10.63
C1 EDO H . -26.12 -23.31 1.36
O1 EDO H . -26.78 -22.16 1.85
C2 EDO H . -25.91 -23.21 -0.13
O2 EDO H . -27.14 -22.94 -0.77
C1 EDO I . -8.99 -19.48 -23.95
O1 EDO I . -7.96 -19.78 -24.87
C2 EDO I . -8.79 -20.33 -22.73
O2 EDO I . -9.17 -21.68 -22.97
C1 EDO J . -25.62 -4.31 -20.61
O1 EDO J . -25.87 -5.58 -21.17
C2 EDO J . -24.22 -3.95 -21.00
O2 EDO J . -24.15 -3.82 -22.42
C1 EDO K . 2.97 -11.48 4.77
O1 EDO K . 1.92 -12.06 5.50
C2 EDO K . 4.19 -12.23 5.16
O2 EDO K . 4.38 -13.29 4.26
#